data_4PVY
#
_entry.id   4PVY
#
_cell.length_a   111.060
_cell.length_b   111.060
_cell.length_c   67.030
_cell.angle_alpha   90.00
_cell.angle_beta   90.00
_cell.angle_gamma   90.00
#
_symmetry.space_group_name_H-M   'P 41 21 2'
#
loop_
_entity.id
_entity.type
_entity.pdbx_description
1 polymer 'Farnesyl pyrophosphate synthase'
2 non-polymer 'MAGNESIUM ION'
3 non-polymer '[({5-[4-(propan-2-yloxy)phenyl]pyridin-3-yl}amino)methanediyl]bis(phosphonic acid)'
4 non-polymer GLYCEROL
5 water water
#
_entity_poly.entity_id   1
_entity_poly.type   'polypeptide(L)'
_entity_poly.pdbx_seq_one_letter_code
;MGSSHHHHHHSSGRENLYFQGHMNGDQNSDVYAQEKQDFVQHFSQIVRVLTEDEMGHPEIGDAIARLKEVLEYNAIGGKY
NRGLTVVVAFRELVEPRKQDADSLQRAWTVGWCVELLQAFFLVADDIMDSSLTRRGQICWYQKPGVGLDAINDANLLEAC
IYRLLKLYCREQPYYLNLIELFLQSSYQTEIGQTLDLLTAPQGNVDLVRFTEKRYKSIVKYKTAFYSFYLPIAAAMYMAG
IDGEKEHANAKKILLEMGEFFQIQDDYLDLFGDPSVTGKIGTDIQDNKCSWLVVQCLQRATPEQYQILKENYGQKEAEKV
ARVKALYEELDLPAVFLQYEEDSYSHIMALIEQYAAPLPPAVFLGLARKIYKRRK
;
_entity_poly.pdbx_strand_id   F
#
# COMPACT_ATOMS: atom_id res chain seq x y z
N ASP A 30 3.70 -2.68 -21.69
CA ASP A 30 3.67 -2.50 -20.21
C ASP A 30 4.36 -3.68 -19.53
N VAL A 31 5.53 -3.41 -18.97
CA VAL A 31 6.38 -4.45 -18.38
C VAL A 31 5.72 -5.25 -17.21
N TYR A 32 4.75 -4.62 -16.54
CA TYR A 32 3.96 -5.21 -15.47
C TYR A 32 2.95 -6.24 -16.00
N ALA A 33 2.21 -5.89 -17.07
CA ALA A 33 1.29 -6.84 -17.72
C ALA A 33 2.05 -8.08 -18.14
N GLN A 34 3.25 -7.85 -18.68
CA GLN A 34 4.11 -8.94 -19.06
C GLN A 34 4.49 -9.85 -17.90
N GLU A 35 4.99 -9.32 -16.79
CA GLU A 35 5.43 -10.18 -15.69
C GLU A 35 4.27 -10.77 -14.89
N LYS A 36 3.05 -10.29 -15.11
CA LYS A 36 1.99 -10.45 -14.13
C LYS A 36 1.50 -11.85 -14.02
N GLN A 37 1.32 -12.51 -15.17
CA GLN A 37 0.84 -13.88 -15.22
C GLN A 37 1.76 -14.80 -14.48
N ASP A 38 3.06 -14.79 -14.77
CA ASP A 38 4.02 -15.65 -14.06
C ASP A 38 3.95 -15.40 -12.56
N PHE A 39 3.81 -14.11 -12.21
CA PHE A 39 3.75 -13.72 -10.79
C PHE A 39 2.58 -14.39 -10.08
N VAL A 40 1.40 -14.19 -10.66
CA VAL A 40 0.16 -14.67 -10.06
C VAL A 40 0.10 -16.17 -10.06
N GLN A 41 0.67 -16.77 -11.08
CA GLN A 41 0.79 -18.24 -11.12
C GLN A 41 1.62 -18.79 -9.98
N HIS A 42 2.55 -18.02 -9.46
CA HIS A 42 3.46 -18.51 -8.44
C HIS A 42 2.70 -18.55 -7.11
N PHE A 43 1.53 -17.92 -7.03
CA PHE A 43 0.73 -17.90 -5.82
C PHE A 43 0.38 -19.29 -5.25
N SER A 44 -0.09 -20.23 -6.06
N SER A 44 -0.06 -20.21 -6.09
CA SER A 44 -0.29 -21.62 -5.57
CA SER A 44 -0.30 -21.63 -5.68
C SER A 44 0.96 -22.17 -4.89
C SER A 44 0.93 -22.32 -5.06
N GLN A 45 2.14 -21.93 -5.47
CA GLN A 45 3.35 -22.50 -4.91
C GLN A 45 3.56 -21.88 -3.58
N ILE A 46 3.37 -20.56 -3.45
CA ILE A 46 3.46 -19.91 -2.14
C ILE A 46 2.52 -20.64 -1.13
N VAL A 47 1.25 -20.77 -1.53
CA VAL A 47 0.23 -21.35 -0.66
C VAL A 47 0.65 -22.79 -0.31
N ARG A 48 1.10 -23.57 -1.30
CA ARG A 48 1.53 -24.95 -1.04
C ARG A 48 2.69 -25.00 -0.07
N VAL A 49 3.68 -24.12 -0.21
CA VAL A 49 4.84 -24.23 0.66
C VAL A 49 4.48 -23.79 2.08
N LEU A 50 3.54 -22.87 2.20
CA LEU A 50 3.15 -22.42 3.54
C LEU A 50 2.17 -23.38 4.25
N THR A 51 1.48 -24.19 3.48
CA THR A 51 0.48 -25.08 4.00
C THR A 51 1.08 -26.47 4.08
N GLU A 52 2.40 -26.56 3.90
CA GLU A 52 3.17 -27.78 4.17
C GLU A 52 4.04 -27.72 5.46
N ASP A 53 3.89 -26.66 6.29
CA ASP A 53 4.33 -26.73 7.73
C ASP A 53 3.56 -27.85 8.49
N GLU A 54 2.43 -28.24 7.90
CA GLU A 54 1.67 -29.42 8.33
C GLU A 54 2.39 -30.78 8.36
N MET A 55 3.19 -31.10 7.33
CA MET A 55 3.74 -32.48 7.18
C MET A 55 4.32 -33.09 8.50
N GLY A 56 5.30 -32.44 9.13
CA GLY A 56 5.84 -32.87 10.46
C GLY A 56 4.88 -32.79 11.67
N HIS A 57 3.89 -31.89 11.61
CA HIS A 57 2.93 -31.65 12.71
C HIS A 57 1.45 -31.67 12.29
N PRO A 58 0.81 -32.87 12.30
CA PRO A 58 -0.61 -32.89 11.96
C PRO A 58 -1.49 -32.09 12.90
N GLU A 59 -1.13 -32.03 14.20
CA GLU A 59 -1.92 -31.28 15.23
C GLU A 59 -2.20 -29.79 14.84
N ILE A 60 -1.36 -29.18 14.04
CA ILE A 60 -1.67 -27.83 13.56
C ILE A 60 -2.50 -27.77 12.26
N GLY A 61 -2.99 -28.94 11.78
CA GLY A 61 -3.67 -29.01 10.49
C GLY A 61 -4.81 -27.98 10.35
N ASP A 62 -5.65 -27.88 11.37
CA ASP A 62 -6.81 -26.97 11.27
C ASP A 62 -6.42 -25.50 11.19
N ALA A 63 -5.32 -25.15 11.83
CA ALA A 63 -4.79 -23.79 11.79
C ALA A 63 -4.23 -23.50 10.43
N ILE A 64 -3.58 -24.49 9.85
CA ILE A 64 -3.00 -24.31 8.53
C ILE A 64 -4.15 -24.14 7.48
N ALA A 65 -5.23 -24.94 7.61
CA ALA A 65 -6.40 -24.77 6.76
C ALA A 65 -6.99 -23.31 6.88
N ARG A 66 -6.97 -22.78 8.05
CA ARG A 66 -7.50 -21.47 8.27
C ARG A 66 -6.57 -20.42 7.61
N LEU A 67 -5.26 -20.65 7.70
CA LEU A 67 -4.24 -19.79 7.07
C LEU A 67 -4.48 -19.78 5.55
N LYS A 68 -4.69 -20.95 5.00
CA LYS A 68 -4.98 -21.00 3.59
C LYS A 68 -6.22 -20.17 3.18
N GLU A 69 -7.28 -20.27 3.96
CA GLU A 69 -8.50 -19.51 3.68
C GLU A 69 -8.23 -17.98 3.78
N VAL A 70 -7.43 -17.60 4.75
CA VAL A 70 -7.07 -16.19 4.96
C VAL A 70 -6.22 -15.73 3.80
N LEU A 71 -5.26 -16.56 3.34
CA LEU A 71 -4.46 -16.20 2.19
C LEU A 71 -5.28 -16.03 0.90
N GLU A 72 -6.17 -16.98 0.66
N GLU A 72 -6.17 -16.98 0.66
CA GLU A 72 -6.95 -17.01 -0.57
CA GLU A 72 -6.99 -17.02 -0.53
C GLU A 72 -7.96 -15.84 -0.60
C GLU A 72 -7.94 -15.83 -0.59
N TYR A 73 -8.50 -15.46 0.54
CA TYR A 73 -9.48 -14.36 0.62
C TYR A 73 -8.77 -13.01 0.49
N ASN A 74 -7.62 -12.83 1.13
CA ASN A 74 -7.05 -11.51 1.33
C ASN A 74 -5.79 -11.18 0.53
N ALA A 75 -5.07 -12.17 0.04
CA ALA A 75 -3.86 -11.86 -0.73
C ALA A 75 -4.06 -11.83 -2.23
N ILE A 76 -5.21 -12.30 -2.68
CA ILE A 76 -5.54 -12.40 -4.09
C ILE A 76 -6.59 -11.41 -4.39
N GLY A 77 -6.63 -10.88 -5.60
CA GLY A 77 -7.74 -10.03 -6.01
C GLY A 77 -7.41 -8.53 -6.18
N GLY A 78 -6.21 -8.15 -5.81
CA GLY A 78 -5.77 -6.77 -6.06
C GLY A 78 -5.04 -6.72 -7.37
N LYS A 79 -4.33 -5.64 -7.57
CA LYS A 79 -3.64 -5.41 -8.82
C LYS A 79 -2.21 -6.00 -8.78
N TYR A 80 -1.75 -6.43 -7.59
CA TYR A 80 -0.37 -6.94 -7.39
C TYR A 80 0.70 -5.95 -7.72
N ASN A 81 0.41 -4.67 -7.75
CA ASN A 81 1.47 -3.78 -8.15
C ASN A 81 2.70 -3.67 -7.22
N ARG A 82 2.52 -3.76 -5.91
CA ARG A 82 3.68 -3.66 -4.99
C ARG A 82 4.56 -4.91 -5.17
N GLY A 83 3.94 -6.10 -5.32
CA GLY A 83 4.72 -7.32 -5.45
C GLY A 83 5.40 -7.45 -6.78
N LEU A 84 4.67 -7.10 -7.80
CA LEU A 84 5.18 -7.08 -9.11
C LEU A 84 6.34 -6.10 -9.28
N THR A 85 6.34 -5.00 -8.54
CA THR A 85 7.46 -4.06 -8.65
C THR A 85 8.77 -4.75 -8.29
N VAL A 86 8.76 -5.62 -7.29
CA VAL A 86 9.97 -6.35 -6.93
C VAL A 86 10.49 -7.17 -8.09
N VAL A 87 9.59 -7.88 -8.78
CA VAL A 87 10.01 -8.75 -9.87
C VAL A 87 10.53 -7.96 -11.09
N VAL A 88 9.77 -6.95 -11.48
CA VAL A 88 10.17 -6.07 -12.60
C VAL A 88 11.56 -5.47 -12.30
N ALA A 89 11.71 -4.89 -11.14
CA ALA A 89 12.97 -4.22 -10.80
C ALA A 89 14.10 -5.23 -10.76
N PHE A 90 13.83 -6.40 -10.23
CA PHE A 90 14.89 -7.39 -10.13
C PHE A 90 15.38 -7.81 -11.53
N ARG A 91 14.46 -8.06 -12.46
CA ARG A 91 14.88 -8.40 -13.82
C ARG A 91 15.62 -7.27 -14.47
N GLU A 92 15.38 -6.05 -14.02
CA GLU A 92 15.96 -4.89 -14.63
C GLU A 92 17.28 -4.61 -13.97
N LEU A 93 17.45 -4.97 -12.73
CA LEU A 93 18.72 -4.75 -12.07
C LEU A 93 19.71 -5.95 -12.07
N VAL A 94 19.29 -7.16 -12.30
CA VAL A 94 20.24 -8.28 -12.28
C VAL A 94 20.56 -8.67 -13.70
N GLU A 95 21.85 -8.80 -14.03
CA GLU A 95 22.34 -9.28 -15.33
C GLU A 95 21.55 -10.56 -15.66
N PRO A 96 20.99 -10.61 -16.87
CA PRO A 96 20.20 -11.75 -17.33
C PRO A 96 20.89 -13.10 -17.13
N ARG A 97 22.21 -13.11 -17.17
CA ARG A 97 22.96 -14.33 -16.99
C ARG A 97 22.85 -14.83 -15.56
N LYS A 98 22.58 -13.96 -14.58
CA LYS A 98 22.42 -14.42 -13.18
C LYS A 98 20.98 -14.64 -12.83
N GLN A 99 20.08 -14.57 -13.80
CA GLN A 99 18.66 -14.78 -13.52
C GLN A 99 18.28 -16.23 -13.75
N ASP A 100 18.91 -17.14 -13.01
CA ASP A 100 18.55 -18.55 -13.05
C ASP A 100 17.18 -18.87 -12.40
N ALA A 101 16.75 -20.12 -12.54
CA ALA A 101 15.44 -20.51 -12.06
C ALA A 101 15.27 -20.25 -10.57
N ASP A 102 16.33 -20.53 -9.80
CA ASP A 102 16.30 -20.30 -8.35
C ASP A 102 16.23 -18.81 -8.03
N SER A 103 16.99 -18.00 -8.76
CA SER A 103 16.97 -16.56 -8.54
C SER A 103 15.64 -15.96 -8.81
N LEU A 104 15.01 -16.40 -9.89
CA LEU A 104 13.70 -15.92 -10.22
C LEU A 104 12.68 -16.33 -9.18
N GLN A 105 12.72 -17.61 -8.75
CA GLN A 105 11.82 -18.08 -7.71
C GLN A 105 11.95 -17.21 -6.48
N ARG A 106 13.17 -16.85 -6.13
CA ARG A 106 13.40 -15.99 -4.96
C ARG A 106 12.77 -14.62 -5.15
N ALA A 107 12.99 -14.02 -6.31
CA ALA A 107 12.36 -12.78 -6.71
C ALA A 107 10.81 -12.81 -6.58
N TRP A 108 10.17 -13.87 -7.14
CA TRP A 108 8.70 -13.97 -7.08
C TRP A 108 8.28 -14.18 -5.64
N THR A 109 9.12 -14.79 -4.83
CA THR A 109 8.77 -15.04 -3.41
C THR A 109 8.83 -13.78 -2.61
N VAL A 110 9.90 -13.03 -2.82
CA VAL A 110 9.99 -11.69 -2.21
C VAL A 110 8.83 -10.76 -2.65
N GLY A 111 8.45 -10.76 -3.91
CA GLY A 111 7.26 -9.99 -4.37
C GLY A 111 6.04 -10.43 -3.59
N TRP A 112 5.82 -11.76 -3.49
CA TRP A 112 4.76 -12.26 -2.66
C TRP A 112 4.86 -11.85 -1.18
N CYS A 113 6.05 -11.75 -0.59
CA CYS A 113 6.20 -11.18 0.72
C CYS A 113 5.68 -9.73 0.80
N VAL A 114 5.91 -8.91 -0.19
CA VAL A 114 5.33 -7.59 -0.14
C VAL A 114 3.79 -7.60 -0.22
N GLU A 115 3.23 -8.48 -1.06
CA GLU A 115 1.79 -8.70 -1.14
C GLU A 115 1.23 -9.17 0.19
N LEU A 116 1.96 -10.02 0.90
CA LEU A 116 1.52 -10.52 2.17
C LEU A 116 1.53 -9.41 3.23
N LEU A 117 2.53 -8.51 3.18
CA LEU A 117 2.55 -7.41 4.06
C LEU A 117 1.35 -6.53 3.84
N GLN A 118 1.08 -6.22 2.60
CA GLN A 118 -0.07 -5.45 2.25
C GLN A 118 -1.36 -6.15 2.76
N ALA A 119 -1.47 -7.50 2.63
CA ALA A 119 -2.65 -8.13 3.06
C ALA A 119 -2.87 -8.04 4.60
N PHE A 120 -1.81 -8.19 5.39
CA PHE A 120 -1.74 -7.92 6.79
C PHE A 120 -2.30 -6.54 7.13
N PHE A 121 -1.73 -5.54 6.46
CA PHE A 121 -2.11 -4.18 6.69
C PHE A 121 -3.58 -3.95 6.40
N LEU A 122 -4.07 -4.39 5.26
CA LEU A 122 -5.39 -4.06 4.84
C LEU A 122 -6.44 -4.75 5.72
N VAL A 123 -6.19 -6.01 6.10
CA VAL A 123 -7.15 -6.71 6.96
C VAL A 123 -7.38 -5.90 8.29
N ALA A 124 -6.29 -5.50 8.90
CA ALA A 124 -6.30 -4.67 10.12
C ALA A 124 -6.84 -3.27 9.92
N ASP A 125 -6.46 -2.63 8.84
CA ASP A 125 -6.90 -1.30 8.58
C ASP A 125 -8.41 -1.25 8.32
N ASP A 126 -8.94 -2.26 7.65
CA ASP A 126 -10.33 -2.29 7.38
C ASP A 126 -11.11 -2.38 8.68
N ILE A 127 -10.62 -3.14 9.63
CA ILE A 127 -11.27 -3.14 10.96
C ILE A 127 -11.20 -1.74 11.61
N MET A 128 -10.01 -1.17 11.64
CA MET A 128 -9.78 0.17 12.21
CA MET A 128 -9.86 0.14 12.26
C MET A 128 -10.59 1.27 11.57
N ASP A 129 -10.80 1.19 10.27
CA ASP A 129 -11.52 2.25 9.55
C ASP A 129 -13.01 2.00 9.40
N SER A 130 -13.48 0.87 9.95
CA SER A 130 -14.90 0.43 9.78
C SER A 130 -15.30 0.27 8.36
N SER A 131 -14.44 -0.30 7.55
CA SER A 131 -14.75 -0.40 6.16
C SER A 131 -15.71 -1.53 5.89
N LEU A 132 -16.34 -1.47 4.72
CA LEU A 132 -17.37 -2.42 4.32
C LEU A 132 -16.87 -3.47 3.31
N THR A 133 -16.20 -3.00 2.26
CA THR A 133 -15.73 -3.81 1.14
C THR A 133 -14.26 -3.49 0.87
N ARG A 134 -13.64 -4.46 0.19
CA ARG A 134 -12.21 -4.42 -0.19
C ARG A 134 -12.00 -5.38 -1.35
N ARG A 135 -11.33 -4.91 -2.42
CA ARG A 135 -11.07 -5.76 -3.60
C ARG A 135 -12.30 -6.41 -4.15
N GLY A 136 -13.41 -5.68 -4.15
CA GLY A 136 -14.59 -6.13 -4.76
C GLY A 136 -15.39 -7.12 -3.91
N GLN A 137 -15.09 -7.28 -2.63
CA GLN A 137 -15.91 -8.16 -1.79
C GLN A 137 -15.96 -7.65 -0.37
N ILE A 138 -16.85 -8.25 0.43
CA ILE A 138 -16.94 -7.89 1.84
C ILE A 138 -15.57 -7.99 2.56
N CYS A 139 -15.24 -7.04 3.41
CA CYS A 139 -14.02 -7.09 4.16
C CYS A 139 -14.02 -8.38 4.98
N TRP A 140 -12.84 -8.96 5.13
CA TRP A 140 -12.68 -10.27 5.82
C TRP A 140 -13.36 -10.19 7.23
N TYR A 141 -13.10 -9.16 8.01
CA TYR A 141 -13.68 -9.07 9.34
C TYR A 141 -15.19 -8.91 9.37
N GLN A 142 -15.81 -8.48 8.27
CA GLN A 142 -17.25 -8.35 8.21
C GLN A 142 -17.92 -9.69 7.92
N LYS A 143 -17.20 -10.72 7.55
CA LYS A 143 -17.85 -12.00 7.34
C LYS A 143 -18.37 -12.55 8.64
N PRO A 144 -19.63 -13.03 8.64
CA PRO A 144 -20.16 -13.72 9.81
C PRO A 144 -19.18 -14.82 10.24
N GLY A 145 -18.83 -14.85 11.50
CA GLY A 145 -17.96 -15.93 11.92
C GLY A 145 -16.50 -15.51 11.92
N VAL A 146 -16.15 -14.32 11.39
CA VAL A 146 -14.78 -13.89 11.43
C VAL A 146 -14.67 -12.84 12.54
N GLY A 147 -15.16 -11.64 12.27
CA GLY A 147 -15.18 -10.58 13.26
C GLY A 147 -13.78 -10.30 13.73
N LEU A 148 -13.61 -10.12 15.02
CA LEU A 148 -12.30 -9.64 15.49
C LEU A 148 -11.22 -10.72 15.55
N ASP A 149 -11.61 -11.97 15.29
CA ASP A 149 -10.60 -13.05 14.96
C ASP A 149 -9.68 -12.68 13.79
N ALA A 150 -10.16 -11.83 12.90
CA ALA A 150 -9.30 -11.23 11.87
C ALA A 150 -8.06 -10.51 12.37
N ILE A 151 -8.01 -10.09 13.64
CA ILE A 151 -6.75 -9.50 14.16
C ILE A 151 -5.69 -10.56 14.10
N ASN A 152 -6.03 -11.78 14.53
CA ASN A 152 -5.06 -12.86 14.49
C ASN A 152 -4.72 -13.24 13.05
N ASP A 153 -5.75 -13.38 12.23
CA ASP A 153 -5.56 -13.63 10.81
C ASP A 153 -4.58 -12.64 10.22
N ALA A 154 -4.79 -11.35 10.44
CA ALA A 154 -3.87 -10.37 9.89
C ALA A 154 -2.40 -10.60 10.30
N ASN A 155 -2.19 -10.85 11.59
CA ASN A 155 -0.87 -11.07 12.07
C ASN A 155 -0.25 -12.39 11.56
N LEU A 156 -1.05 -13.42 11.27
CA LEU A 156 -0.53 -14.63 10.65
C LEU A 156 0.06 -14.30 9.25
N LEU A 157 -0.62 -13.45 8.49
CA LEU A 157 -0.12 -13.02 7.17
C LEU A 157 1.26 -12.40 7.32
N GLU A 158 1.45 -11.59 8.35
CA GLU A 158 2.75 -10.98 8.58
C GLU A 158 3.82 -12.05 8.88
N ALA A 159 3.50 -12.98 9.77
CA ALA A 159 4.37 -14.09 10.04
C ALA A 159 4.84 -14.82 8.80
N CYS A 160 3.95 -14.98 7.83
CA CYS A 160 4.29 -15.74 6.65
C CYS A 160 5.43 -15.11 5.85
N ILE A 161 5.56 -13.80 5.90
CA ILE A 161 6.64 -13.11 5.25
C ILE A 161 7.95 -13.71 5.70
N TYR A 162 8.14 -13.80 7.02
CA TYR A 162 9.42 -14.14 7.55
C TYR A 162 9.71 -15.62 7.35
N ARG A 163 8.66 -16.46 7.29
CA ARG A 163 8.84 -17.88 6.98
C ARG A 163 9.25 -18.05 5.56
N LEU A 164 8.62 -17.32 4.66
CA LEU A 164 9.03 -17.39 3.25
C LEU A 164 10.49 -16.89 3.06
N LEU A 165 10.86 -15.83 3.74
CA LEU A 165 12.24 -15.31 3.56
C LEU A 165 13.24 -16.36 4.08
N LYS A 166 12.92 -17.00 5.18
CA LYS A 166 13.81 -18.04 5.65
C LYS A 166 13.84 -19.25 4.70
N LEU A 167 12.67 -19.69 4.26
CA LEU A 167 12.60 -20.89 3.42
C LEU A 167 13.27 -20.71 2.07
N TYR A 168 13.30 -19.50 1.50
CA TYR A 168 13.82 -19.30 0.16
C TYR A 168 15.12 -18.54 0.07
N CYS A 169 15.42 -17.71 1.05
CA CYS A 169 16.57 -16.84 0.99
C CYS A 169 17.65 -16.96 2.07
N ARG A 170 17.54 -17.90 3.00
CA ARG A 170 18.33 -17.78 4.22
C ARG A 170 19.80 -17.96 3.94
N GLU A 171 20.16 -18.58 2.83
CA GLU A 171 21.57 -18.75 2.54
C GLU A 171 22.11 -17.63 1.67
N GLN A 172 21.32 -16.65 1.34
CA GLN A 172 21.80 -15.59 0.43
C GLN A 172 22.47 -14.44 1.19
N PRO A 173 23.42 -13.73 0.54
CA PRO A 173 24.14 -12.74 1.36
C PRO A 173 23.27 -11.53 1.72
N TYR A 174 22.14 -11.39 1.09
CA TYR A 174 21.21 -10.35 1.41
C TYR A 174 20.08 -10.70 2.40
N TYR A 175 20.05 -11.92 2.95
CA TYR A 175 18.98 -12.38 3.79
C TYR A 175 18.68 -11.38 4.93
N LEU A 176 19.73 -11.01 5.68
CA LEU A 176 19.54 -10.12 6.83
C LEU A 176 19.07 -8.77 6.36
N ASN A 177 19.66 -8.27 5.27
CA ASN A 177 19.19 -6.99 4.73
C ASN A 177 17.68 -6.99 4.46
N LEU A 178 17.15 -8.06 3.86
CA LEU A 178 15.71 -8.10 3.59
C LEU A 178 14.86 -8.15 4.86
N ILE A 179 15.29 -8.96 5.80
CA ILE A 179 14.61 -9.05 7.07
C ILE A 179 14.50 -7.67 7.73
N GLU A 180 15.64 -7.00 7.86
CA GLU A 180 15.67 -5.68 8.44
C GLU A 180 14.84 -4.72 7.65
N LEU A 181 14.84 -4.83 6.33
CA LEU A 181 14.05 -3.90 5.52
C LEU A 181 12.55 -4.10 5.75
N PHE A 182 12.07 -5.33 5.70
CA PHE A 182 10.67 -5.59 5.98
C PHE A 182 10.31 -5.14 7.43
N LEU A 183 11.18 -5.34 8.41
CA LEU A 183 10.86 -4.98 9.79
C LEU A 183 10.84 -3.44 9.94
N GLN A 184 11.83 -2.79 9.38
CA GLN A 184 11.88 -1.32 9.43
CA GLN A 184 11.88 -1.31 9.43
C GLN A 184 10.68 -0.73 8.69
N SER A 185 10.31 -1.33 7.56
CA SER A 185 9.21 -0.75 6.77
C SER A 185 7.89 -0.87 7.53
N SER A 186 7.74 -1.96 8.24
CA SER A 186 6.56 -2.19 9.07
C SER A 186 6.47 -1.26 10.25
N TYR A 187 7.58 -1.05 10.92
CA TYR A 187 7.67 0.00 11.99
C TYR A 187 7.26 1.39 11.45
N GLN A 188 7.92 1.84 10.36
CA GLN A 188 7.60 3.14 9.81
C GLN A 188 6.12 3.22 9.46
N THR A 189 5.60 2.15 8.85
CA THR A 189 4.21 2.14 8.41
C THR A 189 3.22 2.29 9.58
N GLU A 190 3.55 1.61 10.68
CA GLU A 190 2.77 1.65 11.90
C GLU A 190 2.93 2.98 12.60
N ILE A 191 4.08 3.62 12.49
CA ILE A 191 4.20 5.00 12.97
C ILE A 191 3.27 5.93 12.18
N GLY A 192 3.21 5.79 10.88
CA GLY A 192 2.27 6.51 10.04
C GLY A 192 0.84 6.27 10.39
N GLN A 193 0.51 5.01 10.58
CA GLN A 193 -0.83 4.68 10.98
C GLN A 193 -1.23 5.34 12.32
N THR A 194 -0.29 5.43 13.27
CA THR A 194 -0.52 6.08 14.53
C THR A 194 -0.81 7.57 14.31
N LEU A 195 -0.06 8.24 13.44
CA LEU A 195 -0.33 9.69 13.17
C LEU A 195 -1.73 9.83 12.51
N ASP A 196 -2.11 8.87 11.66
CA ASP A 196 -3.42 8.84 10.99
C ASP A 196 -4.55 8.78 12.02
N LEU A 197 -4.45 7.86 12.97
CA LEU A 197 -5.50 7.73 14.00
C LEU A 197 -5.52 8.91 15.01
N LEU A 198 -4.35 9.42 15.31
CA LEU A 198 -4.28 10.50 16.28
C LEU A 198 -4.80 11.83 15.71
N THR A 199 -4.66 12.00 14.40
CA THR A 199 -5.15 13.21 13.70
C THR A 199 -6.68 13.08 13.44
N ALA A 200 -7.23 11.91 13.64
CA ALA A 200 -8.65 11.66 13.34
C ALA A 200 -9.42 11.13 14.55
N PRO A 201 -9.63 11.93 15.53
CA PRO A 201 -10.39 11.40 16.65
C PRO A 201 -11.90 11.28 16.36
N GLN A 202 -12.49 10.14 16.72
CA GLN A 202 -13.93 9.91 16.57
C GLN A 202 -14.72 10.78 17.51
N GLY A 203 -15.86 11.27 17.07
CA GLY A 203 -16.70 12.06 17.95
C GLY A 203 -16.20 13.45 18.33
N ASN A 204 -15.04 13.82 17.82
CA ASN A 204 -14.47 15.16 17.97
C ASN A 204 -14.27 15.83 16.62
N VAL A 205 -14.63 17.07 16.53
CA VAL A 205 -14.38 17.81 15.32
C VAL A 205 -13.14 18.58 15.53
N ASP A 206 -12.03 18.26 14.91
CA ASP A 206 -10.93 19.25 15.00
C ASP A 206 -10.17 19.51 13.62
N LEU A 207 -10.72 20.45 12.88
CA LEU A 207 -10.27 20.76 11.54
C LEU A 207 -8.91 21.40 11.56
N VAL A 208 -8.57 22.07 12.67
CA VAL A 208 -7.32 22.86 12.84
C VAL A 208 -6.09 21.98 12.67
N ARG A 209 -6.22 20.71 12.94
CA ARG A 209 -5.12 19.81 12.73
C ARG A 209 -4.88 19.43 11.29
N PHE A 210 -5.84 19.67 10.42
CA PHE A 210 -5.69 19.13 9.09
C PHE A 210 -4.88 20.13 8.23
N THR A 211 -3.56 20.07 8.30
CA THR A 211 -2.74 21.00 7.56
C THR A 211 -2.00 20.20 6.53
N GLU A 212 -1.43 20.90 5.56
CA GLU A 212 -0.60 20.24 4.53
C GLU A 212 0.65 19.53 5.12
N LYS A 213 1.26 20.21 6.07
CA LYS A 213 2.46 19.73 6.70
C LYS A 213 2.20 18.36 7.40
N ARG A 214 1.16 18.36 8.22
CA ARG A 214 0.70 17.15 8.89
C ARG A 214 0.33 16.07 7.90
N TYR A 215 -0.41 16.42 6.83
CA TYR A 215 -0.80 15.45 5.81
C TYR A 215 0.43 14.76 5.22
N LYS A 216 1.41 15.56 4.85
CA LYS A 216 2.63 15.00 4.17
C LYS A 216 3.39 14.01 5.06
N SER A 217 3.50 14.32 6.34
CA SER A 217 4.10 13.42 7.31
C SER A 217 3.31 12.14 7.46
N ILE A 218 2.01 12.25 7.66
CA ILE A 218 1.19 11.06 7.71
C ILE A 218 1.48 10.13 6.55
N VAL A 219 1.37 10.65 5.35
CA VAL A 219 1.33 9.76 4.19
C VAL A 219 2.69 9.20 3.88
N LYS A 220 3.73 10.02 4.11
CA LYS A 220 5.11 9.51 3.98
C LYS A 220 5.32 8.26 4.81
N TYR A 221 4.92 8.32 6.09
CA TYR A 221 5.08 7.18 6.94
C TYR A 221 4.09 6.01 6.66
N LYS A 222 2.82 6.32 6.53
CA LYS A 222 1.79 5.29 6.45
C LYS A 222 1.79 4.56 5.13
N THR A 223 2.17 5.23 4.04
CA THR A 223 2.03 4.62 2.75
C THR A 223 3.31 4.58 1.91
N ALA A 224 4.12 5.61 1.98
CA ALA A 224 5.15 5.76 0.97
C ALA A 224 6.34 4.80 1.18
N PHE A 225 6.76 4.56 2.42
CA PHE A 225 7.81 3.60 2.70
C PHE A 225 7.45 2.21 2.21
N TYR A 226 6.31 1.66 2.57
CA TYR A 226 6.07 0.26 2.26
C TYR A 226 5.56 0.03 0.86
N SER A 227 4.90 1.03 0.28
CA SER A 227 4.30 0.83 -1.03
C SER A 227 5.27 1.10 -2.17
N PHE A 228 6.31 1.91 -1.94
CA PHE A 228 7.23 2.35 -2.99
C PHE A 228 8.69 2.08 -2.66
N TYR A 229 9.16 2.47 -1.46
CA TYR A 229 10.54 2.24 -1.15
C TYR A 229 10.83 0.74 -0.96
N LEU A 230 10.00 0.06 -0.20
CA LEU A 230 10.22 -1.32 0.11
C LEU A 230 10.42 -2.23 -1.09
N PRO A 231 9.52 -2.23 -2.08
CA PRO A 231 9.73 -3.22 -3.11
C PRO A 231 10.98 -2.99 -3.97
N ILE A 232 11.26 -1.72 -4.29
CA ILE A 232 12.42 -1.44 -5.08
C ILE A 232 13.68 -1.71 -4.27
N ALA A 233 13.66 -1.32 -3.01
CA ALA A 233 14.81 -1.57 -2.18
C ALA A 233 15.09 -3.08 -2.01
N ALA A 234 14.01 -3.87 -1.87
CA ALA A 234 14.16 -5.35 -1.79
C ALA A 234 14.89 -5.86 -3.02
N ALA A 235 14.46 -5.41 -4.19
CA ALA A 235 15.13 -5.85 -5.43
C ALA A 235 16.58 -5.38 -5.54
N MET A 236 16.81 -4.15 -5.14
CA MET A 236 18.17 -3.66 -5.03
C MET A 236 19.07 -4.57 -4.16
N TYR A 237 18.61 -4.90 -2.98
CA TYR A 237 19.41 -5.73 -2.11
C TYR A 237 19.66 -7.09 -2.71
N MET A 238 18.65 -7.61 -3.42
CA MET A 238 18.75 -8.95 -4.04
C MET A 238 19.73 -8.84 -5.18
N ALA A 239 19.87 -7.67 -5.82
CA ALA A 239 20.89 -7.51 -6.82
C ALA A 239 22.24 -7.16 -6.28
N GLY A 240 22.43 -7.11 -4.98
CA GLY A 240 23.75 -6.78 -4.42
C GLY A 240 23.97 -5.26 -4.32
N ILE A 241 22.92 -4.46 -4.52
CA ILE A 241 23.01 -3.03 -4.39
C ILE A 241 22.61 -2.68 -3.00
N ASP A 242 23.59 -2.53 -2.10
CA ASP A 242 23.36 -2.24 -0.70
C ASP A 242 23.87 -0.87 -0.22
N GLY A 243 24.42 -0.08 -1.12
CA GLY A 243 25.10 1.13 -0.72
C GLY A 243 24.11 2.12 -0.10
N GLU A 244 24.58 2.83 0.91
CA GLU A 244 23.71 3.74 1.56
C GLU A 244 23.20 4.85 0.61
N LYS A 245 24.12 5.42 -0.17
CA LYS A 245 23.81 6.50 -1.14
C LYS A 245 22.82 6.05 -2.22
N GLU A 246 23.05 4.86 -2.74
CA GLU A 246 22.20 4.22 -3.76
CA GLU A 246 22.17 4.33 -3.79
C GLU A 246 20.77 4.15 -3.22
N HIS A 247 20.67 3.66 -1.99
CA HIS A 247 19.33 3.58 -1.34
C HIS A 247 18.69 4.94 -1.02
N ALA A 248 19.49 5.89 -0.62
CA ALA A 248 18.93 7.23 -0.33
C ALA A 248 18.45 7.95 -1.60
N ASN A 249 19.21 7.86 -2.69
CA ASN A 249 18.72 8.41 -3.95
C ASN A 249 17.39 7.80 -4.45
N ALA A 250 17.31 6.49 -4.42
CA ALA A 250 16.10 5.81 -4.77
C ALA A 250 14.93 6.29 -3.91
N LYS A 251 15.20 6.34 -2.64
CA LYS A 251 14.22 6.74 -1.68
C LYS A 251 13.68 8.17 -2.00
N LYS A 252 14.53 9.09 -2.43
CA LYS A 252 14.03 10.44 -2.76
C LYS A 252 12.94 10.35 -3.83
N ILE A 253 13.15 9.52 -4.85
CA ILE A 253 12.13 9.36 -5.87
C ILE A 253 10.88 8.68 -5.27
N LEU A 254 11.09 7.55 -4.62
CA LEU A 254 10.00 6.67 -4.33
C LEU A 254 9.11 7.25 -3.22
N LEU A 255 9.66 7.99 -2.24
CA LEU A 255 8.76 8.57 -1.20
C LEU A 255 7.84 9.63 -1.77
N GLU A 256 8.33 10.43 -2.73
CA GLU A 256 7.49 11.36 -3.41
C GLU A 256 6.43 10.68 -4.27
N MET A 257 6.77 9.57 -4.93
CA MET A 257 5.76 8.85 -5.72
CA MET A 257 5.79 8.81 -5.70
C MET A 257 4.70 8.32 -4.74
N GLY A 258 5.12 7.91 -3.56
CA GLY A 258 4.20 7.38 -2.55
C GLY A 258 3.27 8.44 -1.97
N GLU A 259 3.75 9.67 -1.84
CA GLU A 259 2.88 10.75 -1.41
C GLU A 259 1.77 10.94 -2.48
N PHE A 260 2.17 10.99 -3.75
CA PHE A 260 1.18 11.13 -4.78
C PHE A 260 0.17 9.98 -4.74
N PHE A 261 0.64 8.77 -4.56
CA PHE A 261 -0.26 7.59 -4.60
C PHE A 261 -1.28 7.71 -3.50
N GLN A 262 -0.87 8.20 -2.33
CA GLN A 262 -1.81 8.31 -1.22
C GLN A 262 -2.78 9.44 -1.47
N ILE A 263 -2.34 10.51 -2.10
CA ILE A 263 -3.25 11.64 -2.42
C ILE A 263 -4.31 11.12 -3.39
N GLN A 264 -3.89 10.29 -4.34
CA GLN A 264 -4.80 9.69 -5.32
C GLN A 264 -5.78 8.73 -4.59
N ASP A 265 -5.29 7.94 -3.66
CA ASP A 265 -6.13 7.11 -2.83
C ASP A 265 -7.21 7.88 -2.09
N ASP A 266 -6.82 8.99 -1.53
CA ASP A 266 -7.78 9.89 -0.86
C ASP A 266 -8.86 10.48 -1.81
N TYR A 267 -8.41 10.92 -2.97
CA TYR A 267 -9.34 11.41 -3.99
C TYR A 267 -10.31 10.28 -4.38
N LEU A 268 -9.78 9.10 -4.60
CA LEU A 268 -10.60 7.97 -5.07
C LEU A 268 -11.55 7.47 -3.95
N ASP A 269 -11.21 7.75 -2.67
CA ASP A 269 -12.10 7.38 -1.57
C ASP A 269 -13.52 7.91 -1.79
N LEU A 270 -13.61 9.15 -2.25
CA LEU A 270 -14.89 9.82 -2.50
C LEU A 270 -15.35 9.87 -3.97
N PHE A 271 -14.42 10.11 -4.89
CA PHE A 271 -14.73 10.42 -6.25
C PHE A 271 -14.45 9.24 -7.14
N GLY A 272 -13.85 8.19 -6.60
CA GLY A 272 -13.62 7.01 -7.44
C GLY A 272 -14.91 6.22 -7.59
N ASP A 273 -14.98 5.40 -8.64
CA ASP A 273 -16.08 4.48 -8.92
C ASP A 273 -15.82 3.16 -8.16
N PRO A 274 -16.69 2.75 -7.22
CA PRO A 274 -16.37 1.56 -6.44
C PRO A 274 -16.23 0.25 -7.21
N SER A 275 -16.83 0.14 -8.40
CA SER A 275 -16.62 -1.07 -9.17
C SER A 275 -15.24 -1.07 -9.76
N VAL A 276 -14.56 0.08 -9.82
CA VAL A 276 -13.17 0.08 -10.27
C VAL A 276 -12.24 -0.09 -9.04
N THR A 277 -12.44 0.71 -8.02
CA THR A 277 -11.62 0.71 -6.81
C THR A 277 -11.85 -0.55 -5.93
N GLY A 278 -12.96 -1.24 -6.08
CA GLY A 278 -13.25 -2.44 -5.29
C GLY A 278 -13.51 -2.13 -3.81
N LYS A 279 -13.59 -0.85 -3.40
CA LYS A 279 -13.88 -0.52 -1.99
CA LYS A 279 -13.93 -0.55 -1.99
C LYS A 279 -14.71 0.73 -1.82
N ILE A 280 -15.49 0.78 -0.73
CA ILE A 280 -16.28 1.94 -0.37
C ILE A 280 -15.52 2.89 0.54
N GLY A 281 -15.64 4.15 0.26
CA GLY A 281 -14.90 5.19 1.00
C GLY A 281 -15.46 5.43 2.40
N THR A 282 -14.60 5.76 3.37
CA THR A 282 -15.04 6.02 4.74
C THR A 282 -14.30 7.22 5.28
N ASP A 283 -13.51 7.95 4.48
CA ASP A 283 -12.67 9.01 5.10
C ASP A 283 -13.46 10.11 5.83
N ILE A 284 -14.56 10.54 5.25
CA ILE A 284 -15.35 11.64 5.80
C ILE A 284 -16.01 11.19 7.05
N GLN A 285 -16.68 10.04 7.04
CA GLN A 285 -17.25 9.42 8.26
C GLN A 285 -16.20 9.27 9.37
N ASP A 286 -14.98 8.87 9.01
CA ASP A 286 -13.95 8.50 9.99
C ASP A 286 -13.12 9.71 10.38
N ASN A 287 -13.54 10.89 9.97
CA ASN A 287 -12.89 12.15 10.41
C ASN A 287 -11.42 12.22 10.01
N LYS A 288 -11.08 11.72 8.80
CA LYS A 288 -9.69 11.53 8.39
C LYS A 288 -9.07 12.78 7.88
N CYS A 289 -7.78 12.96 8.20
CA CYS A 289 -6.94 13.95 7.55
C CYS A 289 -6.64 13.61 6.06
N SER A 290 -7.65 13.68 5.18
CA SER A 290 -7.45 13.32 3.77
CA SER A 290 -7.48 13.33 3.78
C SER A 290 -6.99 14.55 3.00
N TRP A 291 -6.37 14.30 1.86
CA TRP A 291 -5.90 15.39 1.05
C TRP A 291 -7.07 16.29 0.69
N LEU A 292 -8.22 15.66 0.47
CA LEU A 292 -9.42 16.43 0.12
C LEU A 292 -9.79 17.46 1.19
N VAL A 293 -9.77 17.08 2.47
CA VAL A 293 -10.21 17.99 3.50
C VAL A 293 -9.16 19.10 3.67
N VAL A 294 -7.90 18.74 3.50
CA VAL A 294 -6.84 19.72 3.60
C VAL A 294 -7.03 20.79 2.49
N GLN A 295 -7.25 20.33 1.25
CA GLN A 295 -7.49 21.21 0.12
C GLN A 295 -8.74 22.10 0.32
N CYS A 296 -9.85 21.48 0.72
CA CYS A 296 -11.04 22.20 1.11
C CYS A 296 -10.79 23.34 2.12
N LEU A 297 -10.05 23.03 3.17
CA LEU A 297 -9.78 23.98 4.20
C LEU A 297 -9.02 25.18 3.66
N GLN A 298 -8.05 24.95 2.77
CA GLN A 298 -7.29 26.09 2.19
C GLN A 298 -8.17 27.02 1.39
N ARG A 299 -9.32 26.55 0.96
CA ARG A 299 -10.14 27.28 -0.01
C ARG A 299 -11.46 27.75 0.54
N ALA A 300 -11.93 27.19 1.65
CA ALA A 300 -13.22 27.53 2.20
C ALA A 300 -13.30 28.96 2.73
N THR A 301 -14.42 29.60 2.42
CA THR A 301 -14.91 30.73 3.13
C THR A 301 -15.22 30.39 4.58
N PRO A 302 -15.42 31.42 5.40
CA PRO A 302 -15.89 31.19 6.74
C PRO A 302 -17.21 30.42 6.78
N GLU A 303 -18.13 30.71 5.88
CA GLU A 303 -19.42 30.01 5.88
C GLU A 303 -19.19 28.55 5.60
N GLN A 304 -18.29 28.26 4.67
CA GLN A 304 -18.04 26.91 4.24
C GLN A 304 -17.27 26.13 5.26
N TYR A 305 -16.35 26.79 5.93
CA TYR A 305 -15.71 26.20 7.07
C TYR A 305 -16.75 25.68 8.08
N GLN A 306 -17.81 26.45 8.34
CA GLN A 306 -18.84 25.99 9.26
C GLN A 306 -19.57 24.77 8.77
N ILE A 307 -19.84 24.74 7.48
CA ILE A 307 -20.51 23.65 6.81
C ILE A 307 -19.67 22.41 7.04
N LEU A 308 -18.39 22.51 6.76
CA LEU A 308 -17.49 21.39 6.98
C LEU A 308 -17.47 20.97 8.45
N LYS A 309 -17.29 21.95 9.30
CA LYS A 309 -17.29 21.71 10.73
C LYS A 309 -18.54 20.94 11.25
N GLU A 310 -19.72 21.35 10.82
CA GLU A 310 -20.94 20.68 11.28
C GLU A 310 -21.17 19.29 10.69
N ASN A 311 -20.54 18.98 9.55
CA ASN A 311 -20.86 17.78 8.81
C ASN A 311 -19.80 16.68 8.72
N TYR A 312 -18.54 17.03 9.00
CA TYR A 312 -17.39 16.21 8.81
C TYR A 312 -17.25 15.23 9.97
N GLY A 313 -16.82 14.01 9.69
CA GLY A 313 -16.46 13.08 10.78
C GLY A 313 -17.68 12.44 11.44
N GLN A 314 -18.79 12.34 10.72
CA GLN A 314 -19.99 11.84 11.28
C GLN A 314 -20.59 10.75 10.41
N LYS A 315 -21.36 9.86 11.02
CA LYS A 315 -21.90 8.69 10.30
C LYS A 315 -23.09 8.98 9.36
N GLU A 316 -23.77 10.12 9.52
CA GLU A 316 -25.02 10.35 8.85
C GLU A 316 -24.76 10.56 7.35
N ALA A 317 -25.46 9.78 6.52
CA ALA A 317 -25.28 9.84 5.06
C ALA A 317 -25.52 11.27 4.58
N GLU A 318 -26.50 11.91 5.16
CA GLU A 318 -26.92 13.27 4.76
C GLU A 318 -25.75 14.26 4.99
N LYS A 319 -25.04 14.08 6.09
CA LYS A 319 -23.90 14.91 6.39
C LYS A 319 -22.72 14.60 5.52
N VAL A 320 -22.44 13.32 5.24
CA VAL A 320 -21.43 12.96 4.25
C VAL A 320 -21.71 13.62 2.86
N ALA A 321 -22.95 13.57 2.39
CA ALA A 321 -23.30 14.15 1.08
C ALA A 321 -23.02 15.67 1.06
N ARG A 322 -23.25 16.32 2.19
CA ARG A 322 -23.06 17.74 2.30
C ARG A 322 -21.59 18.08 2.16
N VAL A 323 -20.72 17.31 2.79
CA VAL A 323 -19.30 17.49 2.62
C VAL A 323 -18.89 17.29 1.12
N LYS A 324 -19.34 16.23 0.50
CA LYS A 324 -19.07 16.01 -0.91
C LYS A 324 -19.54 17.15 -1.78
N ALA A 325 -20.74 17.68 -1.52
CA ALA A 325 -21.25 18.82 -2.27
C ALA A 325 -20.38 20.06 -2.05
N LEU A 326 -19.88 20.26 -0.85
CA LEU A 326 -18.94 21.36 -0.65
C LEU A 326 -17.65 21.17 -1.48
N TYR A 327 -17.14 19.93 -1.51
CA TYR A 327 -15.93 19.65 -2.29
C TYR A 327 -16.12 19.91 -3.80
N GLU A 328 -17.28 19.54 -4.30
CA GLU A 328 -17.62 19.77 -5.67
C GLU A 328 -17.82 21.24 -5.96
N GLU A 329 -18.28 22.00 -4.98
CA GLU A 329 -18.52 23.43 -5.14
C GLU A 329 -17.18 24.12 -5.22
N LEU A 330 -16.20 23.62 -4.46
CA LEU A 330 -14.83 24.13 -4.55
C LEU A 330 -13.94 23.55 -5.70
N ASP A 331 -14.51 22.79 -6.63
CA ASP A 331 -13.80 22.26 -7.80
C ASP A 331 -12.57 21.43 -7.40
N LEU A 332 -12.76 20.66 -6.36
CA LEU A 332 -11.67 19.84 -5.86
C LEU A 332 -11.25 18.70 -6.80
N PRO A 333 -12.20 18.06 -7.56
CA PRO A 333 -11.72 17.21 -8.66
C PRO A 333 -10.75 17.90 -9.63
N ALA A 334 -11.03 19.13 -10.05
CA ALA A 334 -10.14 19.82 -10.97
C ALA A 334 -8.87 20.20 -10.26
N VAL A 335 -8.95 20.37 -8.95
CA VAL A 335 -7.73 20.64 -8.19
C VAL A 335 -6.85 19.40 -8.15
N PHE A 336 -7.43 18.25 -7.90
CA PHE A 336 -6.75 16.99 -8.04
C PHE A 336 -6.11 16.72 -9.42
N LEU A 337 -6.83 16.98 -10.51
CA LEU A 337 -6.30 16.77 -11.84
C LEU A 337 -5.09 17.66 -12.10
N GLN A 338 -5.16 18.93 -11.73
CA GLN A 338 -4.00 19.80 -11.82
C GLN A 338 -2.84 19.27 -10.97
N TYR A 339 -3.14 18.81 -9.75
CA TYR A 339 -2.08 18.33 -8.88
C TYR A 339 -1.43 17.09 -9.47
N GLU A 340 -2.23 16.17 -10.03
CA GLU A 340 -1.68 14.96 -10.59
C GLU A 340 -0.65 15.29 -11.74
N GLU A 341 -1.01 16.23 -12.59
CA GLU A 341 -0.15 16.74 -13.67
C GLU A 341 1.12 17.37 -13.07
N ASP A 342 1.00 18.30 -12.09
CA ASP A 342 2.20 18.87 -11.49
C ASP A 342 3.08 17.86 -10.74
N SER A 343 2.49 16.87 -10.14
CA SER A 343 3.22 15.90 -9.33
C SER A 343 3.98 14.95 -10.28
N TYR A 344 3.30 14.52 -11.34
CA TYR A 344 3.90 13.70 -12.38
C TYR A 344 5.14 14.37 -12.97
N SER A 345 5.06 15.65 -13.32
CA SER A 345 6.27 16.37 -13.75
C SER A 345 7.39 16.40 -12.71
N HIS A 346 7.00 16.68 -11.46
CA HIS A 346 7.94 16.74 -10.36
C HIS A 346 8.66 15.39 -10.17
N ILE A 347 7.88 14.34 -10.12
CA ILE A 347 8.46 13.02 -10.00
C ILE A 347 9.44 12.71 -11.16
N MET A 348 9.04 13.07 -12.38
CA MET A 348 9.90 12.81 -13.56
C MET A 348 11.19 13.63 -13.41
N ALA A 349 11.07 14.84 -12.89
CA ALA A 349 12.30 15.66 -12.64
C ALA A 349 13.21 14.90 -11.60
N LEU A 350 12.60 14.34 -10.59
CA LEU A 350 13.37 13.57 -9.60
C LEU A 350 14.05 12.31 -10.20
N ILE A 351 13.35 11.59 -11.07
CA ILE A 351 13.97 10.50 -11.81
C ILE A 351 15.20 10.99 -12.59
N GLU A 352 15.08 12.10 -13.29
CA GLU A 352 16.22 12.72 -13.98
C GLU A 352 17.33 13.02 -13.01
N GLN A 353 17.03 13.46 -11.78
CA GLN A 353 18.12 13.80 -10.88
C GLN A 353 18.81 12.61 -10.17
N TYR A 354 18.02 11.59 -9.82
CA TYR A 354 18.40 10.66 -8.80
C TYR A 354 18.43 9.20 -9.27
N ALA A 355 18.06 8.90 -10.52
CA ALA A 355 17.93 7.48 -10.93
C ALA A 355 19.32 6.87 -10.99
N ALA A 356 20.24 7.61 -11.60
CA ALA A 356 21.58 7.11 -11.84
C ALA A 356 22.26 6.63 -10.57
N PRO A 357 22.97 5.49 -10.67
CA PRO A 357 23.25 4.77 -11.88
C PRO A 357 22.24 3.61 -12.15
N LEU A 358 21.10 3.58 -11.49
CA LEU A 358 20.04 2.59 -11.83
C LEU A 358 19.36 2.89 -13.16
N PRO A 359 18.84 1.87 -13.85
CA PRO A 359 18.17 2.22 -15.14
C PRO A 359 16.92 3.04 -14.87
N PRO A 360 16.71 4.17 -15.61
CA PRO A 360 15.49 4.96 -15.35
C PRO A 360 14.19 4.19 -15.50
N ALA A 361 14.19 3.20 -16.38
CA ALA A 361 13.02 2.30 -16.54
C ALA A 361 12.48 1.68 -15.25
N VAL A 362 13.32 1.42 -14.28
CA VAL A 362 12.87 0.86 -13.00
C VAL A 362 11.83 1.83 -12.39
N PHE A 363 12.12 3.11 -12.44
CA PHE A 363 11.19 4.10 -11.92
C PHE A 363 10.13 4.46 -12.88
N LEU A 364 10.47 4.51 -14.16
CA LEU A 364 9.45 4.93 -15.14
C LEU A 364 8.27 4.00 -15.23
N GLY A 365 8.52 2.69 -15.13
CA GLY A 365 7.42 1.70 -15.32
C GLY A 365 6.42 1.81 -14.18
N LEU A 366 6.96 1.99 -12.98
CA LEU A 366 6.17 2.28 -11.78
C LEU A 366 5.40 3.61 -11.89
N ALA A 367 6.02 4.69 -12.32
CA ALA A 367 5.28 5.97 -12.53
C ALA A 367 4.12 5.78 -13.51
N ARG A 368 4.38 5.09 -14.62
CA ARG A 368 3.37 4.86 -15.63
C ARG A 368 2.21 4.13 -15.03
N LYS A 369 2.55 3.14 -14.20
CA LYS A 369 1.57 2.29 -13.56
C LYS A 369 0.70 3.12 -12.65
N ILE A 370 1.25 4.03 -11.88
CA ILE A 370 0.39 4.74 -10.96
C ILE A 370 -0.21 6.03 -11.48
N TYR A 371 0.32 6.67 -12.51
CA TYR A 371 -0.34 7.90 -12.99
C TYR A 371 -1.40 7.72 -14.06
N LYS A 372 -2.47 8.51 -13.93
CA LYS A 372 -3.82 8.29 -14.53
C LYS A 372 -4.57 7.10 -13.90
N ARG A 373 -4.05 6.50 -12.81
CA ARG A 373 -4.71 5.32 -12.20
C ARG A 373 -6.06 5.74 -11.56
N ARG A 374 -7.12 5.00 -11.85
CA ARG A 374 -8.45 5.31 -11.36
C ARG A 374 -8.95 4.14 -10.46
N LYS A 375 -8.03 3.30 -9.96
CA LYS A 375 -8.41 2.08 -9.14
C LYS A 375 -7.42 1.86 -8.01
#